data_6A1I
#
_entry.id   6A1I
#
_cell.length_a   85.668
_cell.length_b   139.531
_cell.length_c   110.922
_cell.angle_alpha   90.000
_cell.angle_beta   90.000
_cell.angle_gamma   90.000
#
_symmetry.space_group_name_H-M   'C 2 2 21'
#
loop_
_entity.id
_entity.type
_entity.pdbx_description
1 polymer 'Sesquisabinene B synthase 1'
2 non-polymer 'SULFATE ION'
3 non-polymer 'CARBONATE ION'
4 non-polymer 'NICKEL (II) ION'
5 non-polymer GLYCEROL
6 water water
#
_entity_poly.entity_id   1
_entity_poly.type   'polypeptide(L)'
_entity_poly.pdbx_seq_one_letter_code
;MDLCQIPPTSPISPSVPFNGDDSSVVRRSANYPANLWDYDFLQSLGRHSSVTEEHVGLAEKLKGEVKSLITGPMEPLAKL
EFIDSVRRLGLKYQFETEMKEALANISKDGYDSWWVDNLRATALRFRLLRENGIFVPQDVFERFQNKETGKFKNELCEDV
KGLLNLYEASFLGWEGEDILDEARTFSTAQLKNVEGKISSPNLAKIVHHALDLPLHWRAIRYEARWFIDIYEDEEDMNPT
LLKYAKLDFNIVQSFHQAEIGRLARWWVGTGLDKLPFARNGLIQSYMYAIGMLFEPHLGEVREMEAKVGALITTIDDVYD
VYGTMEELELFTDITERWDINRVDQLPRNIRMPLLTMFNTSNDIGYWALKERGFNGIPYTAKVWADQLKSYTKEAKWFHE
GHKPTLEEYLENALVSIGFPNLLVTSYLLTVDNPTKEKLDYVDSLPLFVRASCILCRIINDLGTSPDEMERGDNLKSIQC
YMNETGASQEVAREHIEGLVRMWWKRLNKCLFEPSPFTEPFLSFTINVVRGSHFFYQYGDGYGNAESWTKNQGMSVLIHP
ITLDEE
;
_entity_poly.pdbx_strand_id   A
#
loop_
_chem_comp.id
_chem_comp.type
_chem_comp.name
_chem_comp.formula
CO3 non-polymer 'CARBONATE ION' 'C O3 -2'
GOL non-polymer GLYCEROL 'C3 H8 O3'
NI non-polymer 'NICKEL (II) ION' 'Ni 2'
SO4 non-polymer 'SULFATE ION' 'O4 S -2'
#
# COMPACT_ATOMS: atom_id res chain seq x y z
N ASN A 35 -22.70 11.38 1.03
CA ASN A 35 -22.66 10.12 0.25
C ASN A 35 -21.34 10.07 -0.52
N LEU A 36 -20.48 9.12 -0.15
CA LEU A 36 -19.10 8.95 -0.67
C LEU A 36 -19.13 8.87 -2.20
N TRP A 37 -20.27 8.50 -2.79
CA TRP A 37 -20.36 8.18 -4.24
C TRP A 37 -20.93 9.37 -5.01
N ASP A 38 -21.35 10.42 -4.30
CA ASP A 38 -22.14 11.54 -4.86
C ASP A 38 -21.21 12.72 -5.18
N TYR A 39 -21.12 13.14 -6.45
CA TYR A 39 -20.13 14.17 -6.85
C TYR A 39 -20.53 15.56 -6.38
N ASP A 40 -21.82 15.84 -6.20
CA ASP A 40 -22.29 17.10 -5.58
C ASP A 40 -21.62 17.21 -4.19
N PHE A 41 -21.75 16.16 -3.38
CA PHE A 41 -21.20 16.16 -2.02
C PHE A 41 -19.66 16.23 -2.12
N LEU A 42 -19.08 15.43 -3.00
CA LEU A 42 -17.60 15.41 -3.13
C LEU A 42 -17.08 16.78 -3.62
N GLN A 43 -17.76 17.44 -4.57
CA GLN A 43 -17.22 18.69 -5.16
C GLN A 43 -17.28 19.81 -4.14
N SER A 44 -18.06 19.64 -3.07
CA SER A 44 -18.27 20.63 -1.98
C SER A 44 -17.22 20.44 -0.89
N LEU A 45 -16.57 19.28 -0.87
CA LEU A 45 -15.62 18.89 0.21
C LEU A 45 -14.42 19.83 0.15
N GLY A 46 -13.94 20.30 1.30
CA GLY A 46 -12.80 21.24 1.36
C GLY A 46 -13.23 22.68 1.51
N ARG A 47 -14.44 23.04 1.07
CA ARG A 47 -14.96 24.42 1.17
C ARG A 47 -14.89 24.87 2.63
N HIS A 48 -15.35 24.03 3.56
CA HIS A 48 -15.17 24.25 5.02
C HIS A 48 -14.65 22.99 5.72
N SER A 49 -13.97 23.20 6.85
CA SER A 49 -13.45 22.15 7.75
C SER A 49 -13.74 22.56 9.20
N SER A 50 -13.93 21.61 10.10
CA SER A 50 -14.12 21.86 11.56
C SER A 50 -12.76 21.87 12.26
N VAL A 51 -11.65 21.77 11.49
CA VAL A 51 -10.26 21.96 12.01
C VAL A 51 -9.94 23.45 12.11
N THR A 52 -9.62 23.92 13.32
CA THR A 52 -9.33 25.34 13.66
C THR A 52 -7.82 25.58 13.79
N GLU A 53 -7.42 26.85 13.82
CA GLU A 53 -6.05 27.31 14.19
C GLU A 53 -5.74 26.90 15.65
N GLU A 54 -6.76 26.85 16.51
CA GLU A 54 -6.63 26.35 17.89
C GLU A 54 -6.08 24.92 17.81
N HIS A 55 -6.67 24.09 16.94
CA HIS A 55 -6.33 22.66 16.80
C HIS A 55 -4.86 22.54 16.38
N VAL A 56 -4.39 23.43 15.53
CA VAL A 56 -3.03 23.35 14.93
C VAL A 56 -1.99 23.72 16.00
N GLY A 57 -2.22 24.80 16.74
CA GLY A 57 -1.36 25.20 17.88
C GLY A 57 -1.27 24.09 18.93
N LEU A 58 -2.41 23.47 19.25
CA LEU A 58 -2.50 22.33 20.20
C LEU A 58 -1.65 21.16 19.66
N ALA A 59 -1.72 20.90 18.35
CA ALA A 59 -1.02 19.77 17.72
C ALA A 59 0.49 20.01 17.81
N GLU A 60 0.93 21.26 17.64
CA GLU A 60 2.35 21.66 17.71
C GLU A 60 2.87 21.35 19.12
N LYS A 61 2.10 21.66 20.14
CA LYS A 61 2.46 21.48 21.58
C LYS A 61 2.55 19.97 21.88
N LEU A 62 1.52 19.22 21.50
CA LEU A 62 1.46 17.74 21.69
C LEU A 62 2.59 17.04 20.92
N LYS A 63 2.86 17.46 19.69
CA LYS A 63 3.99 16.87 18.91
C LYS A 63 5.29 17.00 19.69
N GLY A 64 5.57 18.16 20.30
CA GLY A 64 6.80 18.36 21.09
C GLY A 64 6.89 17.40 22.27
N GLU A 65 5.79 17.09 22.92
CA GLU A 65 5.83 16.12 24.04
C GLU A 65 6.01 14.71 23.49
N VAL A 66 5.32 14.35 22.41
CA VAL A 66 5.49 12.96 21.89
C VAL A 66 6.96 12.78 21.46
N LYS A 67 7.54 13.76 20.76
CA LYS A 67 8.96 13.74 20.36
C LYS A 67 9.84 13.49 21.60
N SER A 68 9.52 14.18 22.68
CA SER A 68 10.26 14.07 23.95
C SER A 68 10.09 12.67 24.55
N LEU A 69 8.88 12.11 24.48
CA LEU A 69 8.65 10.75 25.02
C LEU A 69 9.48 9.73 24.23
N ILE A 70 9.55 9.89 22.91
CA ILE A 70 10.30 8.91 22.07
C ILE A 70 11.80 8.97 22.39
N THR A 71 12.36 10.17 22.58
CA THR A 71 13.83 10.37 22.78
C THR A 71 14.17 10.15 24.26
N GLY A 72 13.18 10.22 25.14
CA GLY A 72 13.39 10.37 26.59
C GLY A 72 13.51 9.03 27.31
N PRO A 73 13.76 9.06 28.61
CA PRO A 73 13.92 7.84 29.36
C PRO A 73 12.65 6.99 29.37
N MET A 74 12.87 5.69 29.29
CA MET A 74 11.85 4.63 29.38
C MET A 74 12.62 3.32 29.49
N GLU A 75 12.03 2.30 30.11
CA GLU A 75 12.58 0.92 30.01
C GLU A 75 12.52 0.53 28.53
N PRO A 76 13.48 -0.28 28.04
CA PRO A 76 13.57 -0.55 26.60
C PRO A 76 12.36 -1.29 26.00
N LEU A 77 11.75 -2.25 26.70
CA LEU A 77 10.55 -2.92 26.14
C LEU A 77 9.44 -1.88 26.03
N ALA A 78 9.25 -1.06 27.07
CA ALA A 78 8.21 -0.01 27.09
C ALA A 78 8.47 0.98 25.95
N LYS A 79 9.73 1.26 25.62
CA LYS A 79 10.06 2.20 24.54
C LYS A 79 9.73 1.54 23.19
N LEU A 80 10.07 0.26 23.00
CA LEU A 80 9.72 -0.45 21.74
C LEU A 80 8.20 -0.38 21.58
N GLU A 81 7.45 -0.71 22.63
CA GLU A 81 5.98 -0.73 22.57
C GLU A 81 5.44 0.67 22.26
N PHE A 82 6.03 1.71 22.83
CA PHE A 82 5.62 3.11 22.55
C PHE A 82 5.86 3.43 21.06
N ILE A 83 7.05 3.11 20.56
CA ILE A 83 7.44 3.39 19.15
C ILE A 83 6.54 2.60 18.21
N ASP A 84 6.19 1.37 18.56
CA ASP A 84 5.24 0.59 17.72
C ASP A 84 3.86 1.25 17.69
N SER A 85 3.39 1.73 18.85
CA SER A 85 2.09 2.43 18.92
C SER A 85 2.11 3.71 18.07
N VAL A 86 3.20 4.47 18.13
CA VAL A 86 3.34 5.71 17.31
C VAL A 86 3.15 5.33 15.84
N ARG A 87 3.82 4.28 15.42
CA ARG A 87 3.74 3.85 14.00
C ARG A 87 2.31 3.42 13.65
N ARG A 88 1.70 2.61 14.51
CA ARG A 88 0.37 2.05 14.19
C ARG A 88 -0.71 3.14 14.20
N LEU A 89 -0.46 4.23 14.93
CA LEU A 89 -1.40 5.38 14.96
C LEU A 89 -1.19 6.28 13.75
N GLY A 90 -0.28 5.90 12.86
CA GLY A 90 -0.07 6.63 11.60
C GLY A 90 0.88 7.81 11.72
N LEU A 91 1.75 7.79 12.72
CA LEU A 91 2.56 9.00 13.00
C LEU A 91 4.07 8.81 12.77
N LYS A 92 4.50 7.71 12.18
CA LYS A 92 5.94 7.55 11.89
C LYS A 92 6.39 8.73 11.05
N TYR A 93 5.55 9.27 10.17
CA TYR A 93 5.95 10.38 9.27
C TYR A 93 6.34 11.63 10.07
N GLN A 94 5.84 11.77 11.30
CA GLN A 94 6.10 12.95 12.15
C GLN A 94 7.39 12.75 12.96
N PHE A 95 7.83 11.52 13.22
CA PHE A 95 8.87 11.22 14.26
C PHE A 95 9.95 10.27 13.74
N GLU A 96 10.14 10.13 12.43
CA GLU A 96 10.94 8.98 11.92
C GLU A 96 12.38 9.10 12.45
N THR A 97 12.91 10.31 12.53
CA THR A 97 14.29 10.58 13.01
C THR A 97 14.42 10.20 14.48
N GLU A 98 13.45 10.62 15.30
CA GLU A 98 13.49 10.32 16.75
C GLU A 98 13.35 8.81 16.93
N MET A 99 12.48 8.16 16.14
CA MET A 99 12.23 6.72 16.28
C MET A 99 13.53 5.99 15.92
N LYS A 100 14.19 6.41 14.86
CA LYS A 100 15.42 5.72 14.36
C LYS A 100 16.53 5.91 15.40
N GLU A 101 16.65 7.12 15.94
CA GLU A 101 17.68 7.48 16.96
C GLU A 101 17.45 6.65 18.23
N ALA A 102 16.20 6.53 18.68
CA ALA A 102 15.83 5.73 19.87
C ALA A 102 16.17 4.26 19.63
N LEU A 103 15.83 3.72 18.46
CA LEU A 103 16.05 2.28 18.20
C LEU A 103 17.55 2.02 18.02
N ALA A 104 18.27 2.93 17.39
CA ALA A 104 19.75 2.80 17.22
C ALA A 104 20.35 2.69 18.61
N ASN A 105 19.93 3.56 19.54
CA ASN A 105 20.37 3.52 20.95
C ASN A 105 20.11 2.13 21.52
N ILE A 106 18.86 1.65 21.43
CA ILE A 106 18.46 0.35 22.02
C ILE A 106 19.29 -0.78 21.40
N SER A 107 19.55 -0.73 20.10
CA SER A 107 20.23 -1.82 19.36
C SER A 107 21.70 -1.91 19.82
N LYS A 108 22.27 -0.78 20.27
CA LYS A 108 23.68 -0.70 20.77
C LYS A 108 23.66 -0.89 22.29
N ASP A 109 23.11 -2.00 22.76
CA ASP A 109 22.94 -2.26 24.21
C ASP A 109 23.74 -3.50 24.57
N GLY A 110 24.71 -3.37 25.47
CA GLY A 110 25.34 -4.52 26.15
C GLY A 110 24.32 -5.24 27.00
N TYR A 111 23.41 -4.48 27.57
CA TYR A 111 22.21 -4.91 28.37
C TYR A 111 21.23 -5.59 27.40
N ASP A 112 21.09 -6.91 27.48
CA ASP A 112 20.18 -7.67 26.59
C ASP A 112 19.32 -8.59 27.44
N SER A 113 19.45 -8.56 28.76
CA SER A 113 18.69 -9.45 29.64
C SER A 113 17.21 -9.05 29.59
N TRP A 114 16.90 -7.86 29.07
CA TRP A 114 15.51 -7.35 29.03
C TRP A 114 14.74 -8.03 27.87
N TRP A 115 15.43 -8.69 26.94
CA TRP A 115 14.72 -9.40 25.84
C TRP A 115 15.15 -10.85 25.70
N VAL A 116 16.42 -11.20 25.98
CA VAL A 116 16.88 -12.59 25.73
C VAL A 116 16.04 -13.57 26.58
N ASP A 117 15.52 -14.62 25.95
CA ASP A 117 14.68 -15.66 26.61
C ASP A 117 13.21 -15.22 26.73
N ASN A 118 12.84 -14.04 26.21
CA ASN A 118 11.47 -13.50 26.29
C ASN A 118 10.94 -13.35 24.86
N LEU A 119 10.09 -14.28 24.42
CA LEU A 119 9.67 -14.37 22.99
C LEU A 119 9.04 -13.03 22.60
N ARG A 120 8.10 -12.52 23.38
CA ARG A 120 7.39 -11.24 23.08
C ARG A 120 8.43 -10.12 22.83
N ALA A 121 9.39 -9.95 23.73
CA ALA A 121 10.41 -8.89 23.64
C ALA A 121 11.35 -9.18 22.46
N THR A 122 11.77 -10.43 22.28
CA THR A 122 12.73 -10.81 21.23
C THR A 122 12.11 -10.46 19.86
N ALA A 123 10.87 -10.88 19.67
CA ALA A 123 10.14 -10.70 18.39
C ALA A 123 9.85 -9.21 18.13
N LEU A 124 9.42 -8.44 19.14
CA LEU A 124 9.13 -7.00 18.93
C LEU A 124 10.42 -6.29 18.56
N ARG A 125 11.49 -6.60 19.26
CA ARG A 125 12.80 -5.94 19.00
C ARG A 125 13.24 -6.28 17.57
N PHE A 126 13.18 -7.55 17.20
CA PHE A 126 13.55 -8.04 15.85
C PHE A 126 12.81 -7.22 14.79
N ARG A 127 11.50 -7.10 14.96
CA ARG A 127 10.68 -6.42 13.92
C ARG A 127 11.02 -4.94 13.87
N LEU A 128 10.98 -4.22 15.01
CA LEU A 128 11.16 -2.76 14.98
C LEU A 128 12.56 -2.40 14.47
N LEU A 129 13.58 -3.15 14.85
CA LEU A 129 14.94 -2.86 14.33
C LEU A 129 14.96 -3.11 12.82
N ARG A 130 14.48 -4.24 12.32
CA ARG A 130 14.53 -4.49 10.86
C ARG A 130 13.70 -3.45 10.09
N GLU A 131 12.55 -3.05 10.62
CA GLU A 131 11.69 -2.02 10.01
C GLU A 131 12.44 -0.69 9.86
N ASN A 132 13.44 -0.45 10.71
CA ASN A 132 14.12 0.87 10.81
C ASN A 132 15.58 0.72 10.35
N GLY A 133 15.87 -0.34 9.59
CA GLY A 133 17.13 -0.50 8.84
C GLY A 133 18.28 -0.98 9.71
N ILE A 134 17.96 -1.56 10.85
CA ILE A 134 18.95 -2.17 11.79
C ILE A 134 18.81 -3.68 11.71
N PHE A 135 19.83 -4.36 11.18
CA PHE A 135 19.74 -5.82 10.95
C PHE A 135 19.72 -6.56 12.28
N VAL A 136 18.82 -7.52 12.42
CA VAL A 136 18.80 -8.54 13.48
C VAL A 136 18.73 -9.89 12.80
N PRO A 137 19.64 -10.82 13.12
CA PRO A 137 19.60 -12.13 12.49
C PRO A 137 18.43 -12.98 12.98
N GLN A 138 18.01 -13.92 12.15
CA GLN A 138 16.90 -14.83 12.46
C GLN A 138 17.30 -15.71 13.65
N ASP A 139 18.61 -15.93 13.86
CA ASP A 139 19.04 -16.88 14.93
C ASP A 139 18.66 -16.39 16.33
N VAL A 140 18.21 -15.14 16.52
CA VAL A 140 17.61 -14.70 17.81
C VAL A 140 16.44 -15.62 18.19
N PHE A 141 15.81 -16.32 17.25
CA PHE A 141 14.64 -17.16 17.57
C PHE A 141 15.03 -18.64 17.81
N GLU A 142 16.28 -19.00 17.56
CA GLU A 142 16.77 -20.41 17.62
C GLU A 142 16.51 -21.02 19.01
N ARG A 143 16.61 -20.23 20.07
CA ARG A 143 16.47 -20.74 21.46
C ARG A 143 15.01 -21.13 21.74
N PHE A 144 14.06 -20.70 20.90
CA PHE A 144 12.62 -21.04 21.08
C PHE A 144 12.26 -22.27 20.25
N GLN A 145 13.22 -22.84 19.53
CA GLN A 145 13.00 -24.06 18.72
C GLN A 145 13.51 -25.29 19.48
N ASN A 146 12.95 -26.46 19.17
CA ASN A 146 13.47 -27.78 19.59
C ASN A 146 14.67 -28.12 18.69
N LYS A 147 15.82 -28.43 19.28
CA LYS A 147 17.10 -28.54 18.53
C LYS A 147 17.05 -29.74 17.56
N GLU A 148 16.23 -30.76 17.84
CA GLU A 148 16.16 -31.99 17.01
C GLU A 148 15.33 -31.73 15.75
N THR A 149 14.21 -31.01 15.87
CA THR A 149 13.14 -30.99 14.84
C THR A 149 13.15 -29.65 14.10
N GLY A 150 13.67 -28.60 14.74
CA GLY A 150 13.58 -27.22 14.25
C GLY A 150 12.18 -26.67 14.39
N LYS A 151 11.31 -27.36 15.12
CA LYS A 151 9.94 -26.90 15.39
C LYS A 151 9.98 -25.98 16.61
N PHE A 152 9.12 -24.96 16.66
CA PHE A 152 9.00 -24.10 17.85
C PHE A 152 8.45 -24.95 19.01
N LYS A 153 8.82 -24.56 20.21
CA LYS A 153 8.58 -25.35 21.45
C LYS A 153 7.09 -25.31 21.79
N ASN A 154 6.57 -26.42 22.29
CA ASN A 154 5.16 -26.58 22.74
C ASN A 154 4.84 -25.50 23.79
N GLU A 155 5.79 -25.14 24.65
CA GLU A 155 5.53 -24.25 25.81
C GLU A 155 5.19 -22.83 25.33
N LEU A 156 5.35 -22.54 24.03
CA LEU A 156 5.08 -21.18 23.49
C LEU A 156 3.61 -21.09 23.13
N CYS A 157 2.93 -22.23 23.07
CA CYS A 157 1.66 -22.41 22.33
C CYS A 157 0.54 -21.67 23.04
N GLU A 158 0.78 -21.13 24.23
CA GLU A 158 -0.27 -20.40 24.99
C GLU A 158 0.20 -18.99 25.39
N ASP A 159 1.36 -18.55 24.89
CA ASP A 159 1.84 -17.17 25.15
C ASP A 159 1.30 -16.25 24.04
N VAL A 160 0.12 -15.67 24.24
CA VAL A 160 -0.61 -15.01 23.12
C VAL A 160 0.21 -13.83 22.59
N LYS A 161 0.69 -12.94 23.46
CA LYS A 161 1.42 -11.75 22.98
C LYS A 161 2.76 -12.17 22.36
N GLY A 162 3.42 -13.22 22.86
CA GLY A 162 4.63 -13.77 22.25
C GLY A 162 4.36 -14.29 20.85
N LEU A 163 3.31 -15.10 20.69
CA LEU A 163 2.91 -15.66 19.40
C LEU A 163 2.62 -14.50 18.45
N LEU A 164 1.92 -13.49 18.94
CA LEU A 164 1.43 -12.39 18.08
C LEU A 164 2.65 -11.60 17.58
N ASN A 165 3.59 -11.31 18.47
CA ASN A 165 4.82 -10.60 18.09
C ASN A 165 5.64 -11.46 17.13
N LEU A 166 5.72 -12.76 17.34
CA LEU A 166 6.50 -13.66 16.46
C LEU A 166 5.85 -13.74 15.06
N TYR A 167 4.53 -13.81 15.00
CA TYR A 167 3.79 -13.75 13.73
C TYR A 167 4.13 -12.44 13.02
N GLU A 168 3.96 -11.30 13.68
CA GLU A 168 4.16 -9.99 12.99
C GLU A 168 5.62 -9.89 12.53
N ALA A 169 6.57 -10.34 13.36
CA ALA A 169 8.02 -10.27 13.05
C ALA A 169 8.32 -11.12 11.81
N SER A 170 7.70 -12.27 11.67
CA SER A 170 8.04 -13.24 10.61
C SER A 170 7.94 -12.59 9.21
N PHE A 171 7.09 -11.58 9.03
CA PHE A 171 6.88 -10.95 7.71
C PHE A 171 8.03 -9.99 7.37
N LEU A 172 8.96 -9.74 8.28
CA LEU A 172 10.18 -8.93 7.95
C LEU A 172 11.31 -9.85 7.46
N GLY A 173 11.03 -11.12 7.23
CA GLY A 173 12.02 -12.10 6.80
C GLY A 173 12.43 -11.94 5.35
N TRP A 174 13.57 -12.55 5.00
CA TRP A 174 14.15 -12.57 3.67
C TRP A 174 14.12 -13.98 3.12
N GLU A 175 14.42 -14.14 1.86
CA GLU A 175 14.57 -15.48 1.27
C GLU A 175 15.70 -16.24 1.99
N GLY A 176 15.44 -17.51 2.26
CA GLY A 176 16.37 -18.48 2.89
C GLY A 176 16.46 -18.33 4.40
N GLU A 177 15.66 -17.47 5.01
CA GLU A 177 15.63 -17.33 6.48
C GLU A 177 14.61 -18.34 7.00
N ASP A 178 15.03 -19.60 7.03
CA ASP A 178 14.16 -20.77 7.24
C ASP A 178 13.48 -20.68 8.62
N ILE A 179 14.14 -20.07 9.61
CA ILE A 179 13.59 -19.99 10.99
C ILE A 179 12.36 -19.08 10.94
N LEU A 180 12.40 -18.07 10.10
CA LEU A 180 11.27 -17.10 10.01
C LEU A 180 10.13 -17.70 9.20
N ASP A 181 10.41 -18.52 8.20
CA ASP A 181 9.39 -19.26 7.43
C ASP A 181 8.65 -20.19 8.41
N GLU A 182 9.40 -20.90 9.23
CA GLU A 182 8.79 -21.76 10.28
C GLU A 182 8.04 -20.90 11.29
N ALA A 183 8.58 -19.77 11.73
CA ALA A 183 7.92 -18.90 12.72
C ALA A 183 6.54 -18.50 12.16
N ARG A 184 6.48 -18.15 10.88
CA ARG A 184 5.18 -17.78 10.26
C ARG A 184 4.16 -18.92 10.39
N THR A 185 4.50 -20.13 9.96
CA THR A 185 3.53 -21.24 9.88
C THR A 185 3.17 -21.66 11.31
N PHE A 186 4.15 -21.72 12.20
CA PHE A 186 3.91 -22.02 13.65
C PHE A 186 2.97 -20.99 14.28
N SER A 187 3.33 -19.70 14.23
CA SER A 187 2.59 -18.61 14.92
C SER A 187 1.20 -18.50 14.30
N THR A 188 1.04 -18.67 12.98
CA THR A 188 -0.31 -18.59 12.35
C THR A 188 -1.18 -19.70 12.93
N ALA A 189 -0.68 -20.93 12.93
CA ALA A 189 -1.46 -22.11 13.39
C ALA A 189 -1.80 -21.91 14.86
N GLN A 190 -0.88 -21.43 15.67
CA GLN A 190 -1.10 -21.33 17.15
C GLN A 190 -2.05 -20.17 17.44
N LEU A 191 -1.92 -19.05 16.73
CA LEU A 191 -2.85 -17.93 16.94
C LEU A 191 -4.27 -18.37 16.55
N LYS A 192 -4.43 -19.04 15.42
CA LYS A 192 -5.76 -19.55 15.03
C LYS A 192 -6.31 -20.40 16.21
N ASN A 193 -5.46 -21.26 16.76
CA ASN A 193 -5.90 -22.22 17.82
C ASN A 193 -6.29 -21.45 19.08
N VAL A 194 -5.55 -20.42 19.48
CA VAL A 194 -5.75 -19.74 20.80
C VAL A 194 -6.70 -18.54 20.68
N GLU A 195 -7.03 -18.07 19.47
CA GLU A 195 -7.80 -16.80 19.32
C GLU A 195 -9.05 -16.86 20.23
N GLY A 196 -9.74 -17.98 20.18
CA GLY A 196 -11.00 -18.18 20.93
C GLY A 196 -10.78 -18.34 22.42
N LYS A 197 -9.54 -18.52 22.87
CA LYS A 197 -9.20 -18.75 24.31
C LYS A 197 -8.81 -17.44 24.98
N ILE A 198 -8.69 -16.33 24.23
CA ILE A 198 -8.21 -15.06 24.80
C ILE A 198 -9.27 -14.43 25.71
N SER A 199 -8.86 -13.99 26.90
CA SER A 199 -9.76 -13.29 27.86
C SER A 199 -9.96 -11.83 27.49
N SER A 200 -8.89 -11.12 27.10
CA SER A 200 -8.91 -9.65 26.90
C SER A 200 -9.64 -9.37 25.59
N PRO A 201 -10.80 -8.69 25.60
CA PRO A 201 -11.52 -8.43 24.36
C PRO A 201 -10.68 -7.63 23.37
N ASN A 202 -9.88 -6.69 23.85
CA ASN A 202 -9.00 -5.88 22.96
C ASN A 202 -7.96 -6.79 22.30
N LEU A 203 -7.29 -7.65 23.06
CA LEU A 203 -6.26 -8.56 22.51
C LEU A 203 -6.90 -9.51 21.49
N ALA A 204 -8.10 -10.00 21.76
CA ALA A 204 -8.80 -10.88 20.80
C ALA A 204 -9.03 -10.13 19.48
N LYS A 205 -9.47 -8.87 19.54
CA LYS A 205 -9.70 -8.03 18.34
C LYS A 205 -8.40 -7.88 17.57
N ILE A 206 -7.32 -7.63 18.29
CA ILE A 206 -5.98 -7.42 17.68
C ILE A 206 -5.55 -8.72 16.99
N VAL A 207 -5.71 -9.86 17.65
CA VAL A 207 -5.32 -11.15 17.04
C VAL A 207 -6.18 -11.45 15.79
N HIS A 208 -7.49 -11.26 15.85
CA HIS A 208 -8.38 -11.42 14.68
C HIS A 208 -7.83 -10.57 13.52
N HIS A 209 -7.55 -9.32 13.83
CA HIS A 209 -7.09 -8.34 12.81
C HIS A 209 -5.78 -8.85 12.17
N ALA A 210 -4.87 -9.33 12.99
CA ALA A 210 -3.55 -9.82 12.53
C ALA A 210 -3.71 -11.04 11.64
N LEU A 211 -4.57 -12.01 11.97
CA LEU A 211 -4.76 -13.20 11.14
C LEU A 211 -5.36 -12.79 9.78
N ASP A 212 -6.14 -11.70 9.73
CA ASP A 212 -6.68 -11.21 8.44
C ASP A 212 -5.51 -10.71 7.60
N LEU A 213 -4.71 -9.81 8.14
CA LEU A 213 -3.50 -9.27 7.46
C LEU A 213 -2.48 -8.89 8.51
N PRO A 214 -1.20 -9.29 8.37
CA PRO A 214 -0.17 -8.83 9.27
C PRO A 214 0.02 -7.31 9.10
N LEU A 215 0.54 -6.70 10.14
CA LEU A 215 0.73 -5.24 10.16
C LEU A 215 1.64 -4.83 9.01
N HIS A 216 2.66 -5.64 8.72
CA HIS A 216 3.61 -5.32 7.62
C HIS A 216 2.85 -5.12 6.31
N TRP A 217 1.73 -5.78 6.10
CA TRP A 217 1.00 -5.79 4.81
C TRP A 217 -0.15 -4.78 4.83
N ARG A 218 -0.38 -4.07 5.92
CA ARG A 218 -1.56 -3.16 6.02
C ARG A 218 -1.22 -1.74 5.55
N ALA A 219 -2.20 -1.08 4.95
CA ALA A 219 -2.05 0.31 4.50
C ALA A 219 -2.06 1.22 5.73
N ILE A 220 -1.08 2.11 5.80
CA ILE A 220 -0.80 2.92 7.01
C ILE A 220 -2.04 3.75 7.42
N ARG A 221 -2.62 4.53 6.51
CA ARG A 221 -3.66 5.50 6.91
C ARG A 221 -4.88 4.73 7.42
N TYR A 222 -5.27 3.66 6.73
CA TYR A 222 -6.46 2.87 7.12
C TYR A 222 -6.20 2.19 8.46
N GLU A 223 -5.01 1.67 8.67
CA GLU A 223 -4.67 1.01 9.96
C GLU A 223 -4.68 2.07 11.07
N ALA A 224 -4.22 3.29 10.80
CA ALA A 224 -4.20 4.36 11.81
C ALA A 224 -5.64 4.55 12.32
N ARG A 225 -6.63 4.65 11.44
CA ARG A 225 -7.99 4.99 11.88
C ARG A 225 -8.54 3.82 12.72
N TRP A 226 -8.28 2.59 12.33
CA TRP A 226 -8.67 1.38 13.10
C TRP A 226 -7.97 1.41 14.46
N PHE A 227 -6.68 1.66 14.47
CA PHE A 227 -5.88 1.48 15.70
C PHE A 227 -6.14 2.61 16.71
N ILE A 228 -6.54 3.79 16.28
CA ILE A 228 -6.85 4.89 17.24
C ILE A 228 -7.90 4.38 18.22
N ASP A 229 -8.92 3.70 17.72
CA ASP A 229 -10.02 3.24 18.61
C ASP A 229 -9.51 2.10 19.48
N ILE A 230 -8.71 1.19 18.92
CA ILE A 230 -8.13 0.06 19.69
C ILE A 230 -7.22 0.63 20.79
N TYR A 231 -6.35 1.55 20.45
CA TYR A 231 -5.33 2.09 21.39
C TYR A 231 -6.03 2.72 22.60
N GLU A 232 -7.09 3.46 22.34
CA GLU A 232 -7.84 4.14 23.41
C GLU A 232 -8.26 3.12 24.49
N ASP A 233 -8.48 1.86 24.12
CA ASP A 233 -8.99 0.80 25.04
C ASP A 233 -7.84 -0.05 25.60
N GLU A 234 -6.59 0.21 25.21
CA GLU A 234 -5.42 -0.56 25.71
C GLU A 234 -5.11 -0.13 27.14
N GLU A 235 -4.67 -1.05 27.99
CA GLU A 235 -4.43 -0.72 29.40
C GLU A 235 -3.18 0.17 29.51
N ASP A 236 -2.19 -0.01 28.64
CA ASP A 236 -0.91 0.75 28.75
C ASP A 236 -1.01 2.06 27.96
N MET A 237 -2.22 2.46 27.52
CA MET A 237 -2.46 3.62 26.61
C MET A 237 -1.85 4.91 27.22
N ASN A 238 -1.11 5.67 26.42
CA ASN A 238 -0.59 7.00 26.81
C ASN A 238 -1.58 8.06 26.32
N PRO A 239 -2.29 8.80 27.21
CA PRO A 239 -3.33 9.70 26.76
C PRO A 239 -2.80 10.87 25.93
N THR A 240 -1.58 11.34 26.19
CA THR A 240 -0.95 12.40 25.38
C THR A 240 -0.84 11.89 23.93
N LEU A 241 -0.29 10.70 23.77
CA LEU A 241 -0.11 10.11 22.40
C LEU A 241 -1.49 9.94 21.76
N LEU A 242 -2.47 9.41 22.49
CA LEU A 242 -3.81 9.21 21.91
C LEU A 242 -4.37 10.54 21.41
N LYS A 243 -4.25 11.60 22.22
CA LYS A 243 -4.81 12.92 21.90
C LYS A 243 -4.13 13.46 20.65
N TYR A 244 -2.82 13.31 20.58
CA TYR A 244 -2.05 13.77 19.40
C TYR A 244 -2.54 12.98 18.18
N ALA A 245 -2.64 11.68 18.31
CA ALA A 245 -3.07 10.83 17.17
C ALA A 245 -4.41 11.30 16.63
N LYS A 246 -5.38 11.60 17.50
CA LYS A 246 -6.72 12.04 17.04
C LYS A 246 -6.61 13.39 16.33
N LEU A 247 -5.91 14.36 16.92
CA LEU A 247 -5.81 15.73 16.38
C LEU A 247 -5.05 15.71 15.05
N ASP A 248 -3.93 15.01 15.01
CA ASP A 248 -3.14 14.90 13.75
C ASP A 248 -4.03 14.21 12.73
N PHE A 249 -4.79 13.20 13.12
CA PHE A 249 -5.66 12.48 12.15
C PHE A 249 -6.61 13.48 11.50
N ASN A 250 -7.26 14.31 12.31
CA ASN A 250 -8.28 15.27 11.82
C ASN A 250 -7.60 16.32 10.94
N ILE A 251 -6.42 16.81 11.33
CA ILE A 251 -5.70 17.86 10.57
C ILE A 251 -5.34 17.27 9.20
N VAL A 252 -4.80 16.04 9.19
CA VAL A 252 -4.42 15.42 7.89
C VAL A 252 -5.68 15.22 7.05
N GLN A 253 -6.76 14.79 7.66
CA GLN A 253 -8.03 14.52 6.95
C GLN A 253 -8.54 15.81 6.30
N SER A 254 -8.30 16.97 6.91
CA SER A 254 -8.74 18.25 6.31
C SER A 254 -8.05 18.48 4.97
N PHE A 255 -6.78 18.12 4.85
CA PHE A 255 -6.06 18.21 3.55
C PHE A 255 -6.75 17.25 2.57
N HIS A 256 -7.00 16.00 2.96
CA HIS A 256 -7.62 15.00 2.06
C HIS A 256 -8.94 15.55 1.53
N GLN A 257 -9.76 16.14 2.40
CA GLN A 257 -11.08 16.66 1.98
C GLN A 257 -10.90 17.75 0.91
N ALA A 258 -9.95 18.66 1.09
CA ALA A 258 -9.68 19.71 0.08
C ALA A 258 -9.20 19.08 -1.25
N GLU A 259 -8.41 18.02 -1.19
CA GLU A 259 -7.92 17.29 -2.39
C GLU A 259 -9.09 16.62 -3.09
N ILE A 260 -9.95 15.94 -2.35
CA ILE A 260 -11.11 15.24 -2.94
C ILE A 260 -11.98 16.29 -3.65
N GLY A 261 -12.18 17.45 -3.05
CA GLY A 261 -13.00 18.49 -3.70
C GLY A 261 -12.42 18.85 -5.05
N ARG A 262 -11.14 19.14 -5.10
CA ARG A 262 -10.45 19.52 -6.35
C ARG A 262 -10.59 18.38 -7.35
N LEU A 263 -10.32 17.15 -6.93
CA LEU A 263 -10.34 16.00 -7.85
C LEU A 263 -11.74 15.74 -8.36
N ALA A 264 -12.77 15.86 -7.51
CA ALA A 264 -14.16 15.66 -7.94
C ALA A 264 -14.55 16.74 -8.95
N ARG A 265 -14.15 17.99 -8.71
CA ARG A 265 -14.43 19.09 -9.67
C ARG A 265 -13.71 18.84 -10.99
N TRP A 266 -12.47 18.38 -10.92
CA TRP A 266 -11.73 17.98 -12.14
C TRP A 266 -12.51 16.88 -12.87
N TRP A 267 -12.87 15.81 -12.18
CA TRP A 267 -13.48 14.62 -12.81
C TRP A 267 -14.80 15.00 -13.49
N VAL A 268 -15.67 15.70 -12.78
CA VAL A 268 -16.94 16.21 -13.39
C VAL A 268 -16.58 17.07 -14.60
N GLY A 269 -15.53 17.90 -14.51
CA GLY A 269 -15.09 18.73 -15.65
C GLY A 269 -14.73 17.90 -16.87
N THR A 270 -14.19 16.70 -16.66
CA THR A 270 -13.82 15.80 -17.78
C THR A 270 -15.04 15.18 -18.44
N GLY A 271 -16.16 15.12 -17.72
CA GLY A 271 -17.35 14.42 -18.19
C GLY A 271 -17.25 12.92 -18.10
N LEU A 272 -16.13 12.36 -17.59
CA LEU A 272 -15.98 10.90 -17.55
C LEU A 272 -16.89 10.32 -16.44
N ASP A 273 -17.38 11.14 -15.53
CA ASP A 273 -18.31 10.66 -14.48
C ASP A 273 -19.61 10.20 -15.14
N LYS A 274 -19.92 10.69 -16.34
CA LYS A 274 -21.21 10.40 -17.04
C LYS A 274 -21.06 9.19 -17.95
N LEU A 275 -19.84 8.72 -18.20
CA LEU A 275 -19.67 7.60 -19.16
C LEU A 275 -20.07 6.29 -18.49
N PRO A 276 -20.39 5.26 -19.29
CA PRO A 276 -20.73 3.93 -18.76
C PRO A 276 -19.68 3.32 -17.81
N PHE A 277 -18.40 3.37 -18.19
CA PHE A 277 -17.25 2.70 -17.49
C PHE A 277 -17.15 3.08 -16.00
N ALA A 278 -16.42 2.24 -15.25
CA ALA A 278 -15.83 2.50 -13.91
C ALA A 278 -16.66 3.52 -13.13
N ARG A 279 -17.95 3.24 -12.95
CA ARG A 279 -18.74 3.80 -11.83
C ARG A 279 -17.81 3.90 -10.60
N ASN A 280 -17.69 5.10 -10.03
CA ASN A 280 -16.98 5.34 -8.74
C ASN A 280 -15.46 5.22 -8.91
N GLY A 281 -14.94 5.27 -10.13
CA GLY A 281 -13.49 5.17 -10.38
C GLY A 281 -12.68 6.28 -9.69
N LEU A 282 -13.16 7.52 -9.68
CA LEU A 282 -12.41 8.65 -9.09
C LEU A 282 -12.21 8.36 -7.60
N ILE A 283 -13.29 8.16 -6.86
CA ILE A 283 -13.13 7.99 -5.39
C ILE A 283 -12.42 6.66 -5.09
N GLN A 284 -12.59 5.61 -5.91
CA GLN A 284 -11.86 4.30 -5.75
C GLN A 284 -10.36 4.61 -5.89
N SER A 285 -10.00 5.35 -6.92
CA SER A 285 -8.60 5.71 -7.18
C SER A 285 -8.06 6.46 -5.98
N TYR A 286 -8.79 7.49 -5.54
CA TYR A 286 -8.27 8.33 -4.44
C TYR A 286 -8.08 7.50 -3.17
N MET A 287 -9.03 6.63 -2.87
CA MET A 287 -8.91 5.76 -1.67
C MET A 287 -7.66 4.89 -1.78
N TYR A 288 -7.37 4.36 -2.95
CA TYR A 288 -6.14 3.56 -3.16
C TYR A 288 -4.92 4.46 -3.02
N ALA A 289 -4.97 5.67 -3.56
CA ALA A 289 -3.85 6.63 -3.46
C ALA A 289 -3.52 6.93 -1.99
N ILE A 290 -4.53 7.07 -1.15
CA ILE A 290 -4.32 7.31 0.31
C ILE A 290 -3.49 6.16 0.91
N GLY A 291 -3.67 4.92 0.44
CA GLY A 291 -2.79 3.78 0.78
C GLY A 291 -1.36 4.01 0.35
N MET A 292 -1.15 4.48 -0.87
CA MET A 292 0.19 4.75 -1.40
C MET A 292 0.88 5.85 -0.60
N LEU A 293 0.19 6.96 -0.35
CA LEU A 293 0.80 8.14 0.31
C LEU A 293 -0.31 9.01 0.91
N PHE A 294 -0.24 9.32 2.19
CA PHE A 294 -1.29 10.09 2.87
C PHE A 294 -0.81 11.44 3.41
N GLU A 295 0.50 11.67 3.49
CA GLU A 295 1.04 12.86 4.20
C GLU A 295 0.53 14.13 3.50
N PRO A 296 0.19 15.19 4.27
CA PRO A 296 -0.18 16.47 3.68
C PRO A 296 0.85 17.09 2.73
N HIS A 297 2.15 17.00 3.03
CA HIS A 297 3.17 17.67 2.19
C HIS A 297 3.23 17.02 0.81
N LEU A 298 2.63 15.84 0.63
CA LEU A 298 2.65 15.15 -0.68
C LEU A 298 1.30 15.32 -1.37
N GLY A 299 0.50 16.31 -0.98
CA GLY A 299 -0.86 16.49 -1.52
C GLY A 299 -0.87 16.63 -3.04
N GLU A 300 -0.02 17.49 -3.63
CA GLU A 300 -0.09 17.69 -5.09
C GLU A 300 0.30 16.39 -5.81
N VAL A 301 1.33 15.70 -5.34
CA VAL A 301 1.71 14.40 -5.94
C VAL A 301 0.52 13.45 -5.82
N ARG A 302 -0.05 13.32 -4.63
CA ARG A 302 -1.19 12.42 -4.41
C ARG A 302 -2.33 12.74 -5.39
N GLU A 303 -2.70 14.01 -5.56
CA GLU A 303 -3.77 14.37 -6.52
C GLU A 303 -3.40 13.84 -7.91
N MET A 304 -2.17 14.03 -8.33
CA MET A 304 -1.75 13.60 -9.68
C MET A 304 -1.81 12.08 -9.77
N GLU A 305 -1.34 11.36 -8.76
CA GLU A 305 -1.44 9.88 -8.75
C GLU A 305 -2.91 9.47 -8.86
N ALA A 306 -3.80 10.13 -8.12
CA ALA A 306 -5.23 9.82 -8.11
C ALA A 306 -5.82 10.06 -9.50
N LYS A 307 -5.45 11.13 -10.17
CA LYS A 307 -5.91 11.37 -11.57
C LYS A 307 -5.50 10.19 -12.44
N VAL A 308 -4.24 9.80 -12.39
CA VAL A 308 -3.75 8.67 -13.21
C VAL A 308 -4.55 7.40 -12.88
N GLY A 309 -4.75 7.11 -11.61
CA GLY A 309 -5.49 5.92 -11.21
C GLY A 309 -6.93 5.93 -11.70
N ALA A 310 -7.59 7.08 -11.71
CA ALA A 310 -8.99 7.23 -12.18
C ALA A 310 -9.02 6.92 -13.68
N LEU A 311 -7.99 7.39 -14.40
CA LEU A 311 -7.89 7.14 -15.85
C LEU A 311 -7.57 5.68 -16.11
N ILE A 312 -6.74 5.07 -15.28
CA ILE A 312 -6.42 3.63 -15.45
C ILE A 312 -7.71 2.81 -15.32
N THR A 313 -8.50 3.02 -14.30
CA THR A 313 -9.71 2.18 -14.09
C THR A 313 -10.69 2.42 -15.26
N THR A 314 -10.85 3.66 -15.70
CA THR A 314 -11.71 4.04 -16.84
C THR A 314 -11.22 3.33 -18.12
N ILE A 315 -9.94 3.46 -18.45
CA ILE A 315 -9.41 2.95 -19.73
C ILE A 315 -9.29 1.42 -19.71
N ASP A 316 -9.09 0.84 -18.53
CA ASP A 316 -9.18 -0.63 -18.32
C ASP A 316 -10.54 -1.09 -18.84
N ASP A 317 -11.60 -0.38 -18.47
CA ASP A 317 -12.98 -0.74 -18.93
C ASP A 317 -13.12 -0.53 -20.43
N VAL A 318 -12.56 0.54 -20.99
CA VAL A 318 -12.59 0.78 -22.44
C VAL A 318 -12.02 -0.44 -23.15
N TYR A 319 -10.88 -0.94 -22.70
CA TYR A 319 -10.16 -2.02 -23.39
C TYR A 319 -10.86 -3.36 -23.12
N ASP A 320 -11.48 -3.51 -21.96
CA ASP A 320 -12.04 -4.82 -21.50
C ASP A 320 -13.39 -5.05 -22.13
N VAL A 321 -14.27 -4.05 -22.10
CA VAL A 321 -15.72 -4.20 -22.39
C VAL A 321 -16.11 -3.38 -23.63
N TYR A 322 -15.69 -2.12 -23.71
CA TYR A 322 -16.40 -1.08 -24.49
C TYR A 322 -15.90 -0.97 -25.94
N GLY A 323 -14.58 -0.91 -26.16
CA GLY A 323 -14.04 -0.65 -27.51
C GLY A 323 -14.04 -1.89 -28.39
N THR A 324 -14.16 -1.70 -29.69
CA THR A 324 -13.85 -2.73 -30.73
C THR A 324 -12.34 -2.84 -30.92
N MET A 325 -11.85 -3.93 -31.49
CA MET A 325 -10.40 -4.11 -31.66
C MET A 325 -9.79 -2.98 -32.51
N GLU A 326 -10.48 -2.47 -33.52
CA GLU A 326 -9.96 -1.39 -34.38
C GLU A 326 -9.86 -0.09 -33.55
N GLU A 327 -10.86 0.15 -32.72
CA GLU A 327 -10.90 1.35 -31.83
C GLU A 327 -9.71 1.27 -30.85
N LEU A 328 -9.48 0.09 -30.25
CA LEU A 328 -8.39 -0.08 -29.26
C LEU A 328 -7.03 0.06 -29.95
N GLU A 329 -6.84 -0.53 -31.14
CA GLU A 329 -5.59 -0.40 -31.91
C GLU A 329 -5.31 1.07 -32.22
N LEU A 330 -6.35 1.85 -32.53
CA LEU A 330 -6.18 3.28 -32.85
C LEU A 330 -5.86 4.06 -31.56
N PHE A 331 -6.55 3.74 -30.48
CA PHE A 331 -6.25 4.36 -29.16
C PHE A 331 -4.79 4.12 -28.82
N THR A 332 -4.35 2.88 -28.98
CA THR A 332 -2.94 2.51 -28.66
C THR A 332 -1.97 3.26 -29.57
N ASP A 333 -2.23 3.32 -30.88
CA ASP A 333 -1.32 3.96 -31.86
C ASP A 333 -1.20 5.47 -31.60
N ILE A 334 -2.31 6.13 -31.38
CA ILE A 334 -2.33 7.57 -31.02
C ILE A 334 -1.41 7.78 -29.80
N THR A 335 -1.59 6.95 -28.77
CA THR A 335 -0.80 7.06 -27.53
C THR A 335 0.68 6.80 -27.81
N GLU A 336 1.02 5.75 -28.58
CA GLU A 336 2.44 5.45 -28.88
C GLU A 336 3.09 6.61 -29.61
N ARG A 337 2.36 7.28 -30.50
CA ARG A 337 2.94 8.38 -31.29
C ARG A 337 2.78 9.72 -30.57
N TRP A 338 1.97 9.78 -29.51
CA TRP A 338 1.55 11.04 -28.85
C TRP A 338 1.06 12.02 -29.92
N ASP A 339 0.17 11.54 -30.77
CA ASP A 339 -0.29 12.30 -31.97
C ASP A 339 -1.78 12.14 -32.10
N ILE A 340 -2.53 13.20 -31.78
CA ILE A 340 -4.00 13.11 -31.66
C ILE A 340 -4.70 13.52 -32.98
N ASN A 341 -4.03 13.49 -34.13
CA ASN A 341 -4.67 13.86 -35.43
C ASN A 341 -5.91 13.03 -35.74
N ARG A 342 -5.87 11.73 -35.47
CA ARG A 342 -6.91 10.77 -35.90
C ARG A 342 -7.97 10.62 -34.84
N VAL A 343 -7.89 11.40 -33.73
CA VAL A 343 -8.70 11.07 -32.55
C VAL A 343 -10.20 11.12 -32.89
N ASP A 344 -10.63 11.94 -33.86
CA ASP A 344 -12.08 12.09 -34.16
C ASP A 344 -12.64 10.82 -34.84
N GLN A 345 -11.77 9.88 -35.22
CA GLN A 345 -12.21 8.55 -35.70
C GLN A 345 -12.81 7.70 -34.58
N LEU A 346 -12.50 8.00 -33.32
CA LEU A 346 -13.07 7.27 -32.19
C LEU A 346 -14.44 7.84 -31.85
N PRO A 347 -15.37 6.97 -31.41
CA PRO A 347 -16.63 7.42 -30.82
C PRO A 347 -16.37 8.29 -29.58
N ARG A 348 -17.32 9.17 -29.28
CA ARG A 348 -17.25 10.13 -28.16
C ARG A 348 -16.81 9.44 -26.87
N ASN A 349 -17.40 8.31 -26.50
CA ASN A 349 -17.18 7.70 -25.15
C ASN A 349 -15.78 7.12 -25.06
N ILE A 350 -15.07 6.98 -26.17
CA ILE A 350 -13.65 6.49 -26.20
C ILE A 350 -12.72 7.68 -26.43
N ARG A 351 -13.10 8.62 -27.29
CA ARG A 351 -12.34 9.86 -27.55
C ARG A 351 -12.11 10.63 -26.24
N MET A 352 -13.12 10.70 -25.40
CA MET A 352 -13.07 11.54 -24.18
C MET A 352 -12.07 10.95 -23.17
N PRO A 353 -12.11 9.63 -22.86
CA PRO A 353 -11.04 9.07 -22.05
C PRO A 353 -9.64 9.24 -22.64
N LEU A 354 -9.46 9.03 -23.95
CA LEU A 354 -8.16 9.21 -24.60
C LEU A 354 -7.67 10.65 -24.38
N LEU A 355 -8.49 11.63 -24.72
CA LEU A 355 -7.98 13.02 -24.65
C LEU A 355 -7.78 13.42 -23.20
N THR A 356 -8.51 12.86 -22.25
CA THR A 356 -8.29 13.20 -20.82
C THR A 356 -6.95 12.58 -20.40
N MET A 357 -6.68 11.35 -20.78
CA MET A 357 -5.36 10.71 -20.53
C MET A 357 -4.25 11.55 -21.15
N PHE A 358 -4.45 12.03 -22.37
CA PHE A 358 -3.42 12.85 -23.05
C PHE A 358 -3.19 14.17 -22.31
N ASN A 359 -4.28 14.87 -22.04
CA ASN A 359 -4.22 16.19 -21.39
C ASN A 359 -3.62 16.03 -19.99
N THR A 360 -4.06 15.06 -19.22
CA THR A 360 -3.57 14.88 -17.84
C THR A 360 -2.07 14.51 -17.87
N SER A 361 -1.68 13.64 -18.79
CA SER A 361 -0.26 13.23 -18.94
C SER A 361 0.60 14.45 -19.26
N ASN A 362 0.10 15.33 -20.10
CA ASN A 362 0.83 16.57 -20.45
C ASN A 362 0.87 17.50 -19.23
N ASP A 363 -0.23 17.60 -18.51
CA ASP A 363 -0.30 18.46 -17.30
C ASP A 363 0.73 17.97 -16.26
N ILE A 364 0.80 16.65 -16.06
CA ILE A 364 1.69 16.08 -15.03
C ILE A 364 3.13 16.28 -15.47
N GLY A 365 3.46 16.02 -16.74
CA GLY A 365 4.83 16.25 -17.24
C GLY A 365 5.19 17.71 -17.11
N TYR A 366 4.25 18.58 -17.38
CA TYR A 366 4.47 20.04 -17.25
C TYR A 366 4.70 20.43 -15.79
N TRP A 367 3.98 19.85 -14.85
CA TRP A 367 4.20 20.14 -13.42
C TRP A 367 5.65 19.84 -13.08
N ALA A 368 6.18 18.75 -13.61
CA ALA A 368 7.60 18.38 -13.37
C ALA A 368 8.53 19.44 -13.97
N LEU A 369 8.18 19.98 -15.11
CA LEU A 369 9.01 21.05 -15.72
C LEU A 369 8.98 22.28 -14.82
N LYS A 370 7.79 22.77 -14.46
CA LYS A 370 7.64 24.04 -13.73
C LYS A 370 8.22 23.89 -12.33
N GLU A 371 7.91 22.80 -11.65
CA GLU A 371 8.21 22.62 -10.21
C GLU A 371 9.58 22.01 -10.01
N ARG A 372 9.97 21.05 -10.86
CA ARG A 372 11.15 20.18 -10.60
C ARG A 372 12.26 20.44 -11.62
N GLY A 373 12.02 21.28 -12.63
CA GLY A 373 13.00 21.69 -13.65
C GLY A 373 13.22 20.67 -14.77
N PHE A 374 12.30 19.75 -14.97
CA PHE A 374 12.50 18.59 -15.84
C PHE A 374 11.17 18.25 -16.52
N ASN A 375 11.13 18.31 -17.85
CA ASN A 375 9.91 18.02 -18.61
C ASN A 375 9.63 16.52 -18.52
N GLY A 376 8.55 16.16 -17.84
CA GLY A 376 8.22 14.75 -17.62
C GLY A 376 7.34 14.16 -18.70
N ILE A 377 6.91 14.94 -19.70
CA ILE A 377 5.92 14.46 -20.70
C ILE A 377 6.45 13.22 -21.43
N PRO A 378 7.73 13.13 -21.80
CA PRO A 378 8.19 11.91 -22.48
C PRO A 378 7.92 10.65 -21.65
N TYR A 379 7.98 10.79 -20.33
CA TYR A 379 7.87 9.63 -19.38
C TYR A 379 6.41 9.31 -19.06
N THR A 380 5.51 10.29 -18.88
CA THR A 380 4.07 9.99 -18.73
C THR A 380 3.56 9.39 -20.04
N ALA A 381 3.98 9.93 -21.17
CA ALA A 381 3.51 9.39 -22.47
C ALA A 381 4.03 7.97 -22.63
N LYS A 382 5.26 7.72 -22.27
CA LYS A 382 5.85 6.36 -22.50
C LYS A 382 5.11 5.36 -21.61
N VAL A 383 4.92 5.64 -20.32
CA VAL A 383 4.28 4.61 -19.47
C VAL A 383 2.83 4.38 -19.89
N TRP A 384 2.11 5.39 -20.35
CA TRP A 384 0.74 5.18 -20.88
C TRP A 384 0.81 4.29 -22.14
N ALA A 385 1.73 4.56 -23.06
CA ALA A 385 1.87 3.72 -24.26
C ALA A 385 2.16 2.26 -23.87
N ASP A 386 3.06 2.06 -22.91
CA ASP A 386 3.37 0.69 -22.42
C ASP A 386 2.12 0.06 -21.86
N GLN A 387 1.36 0.79 -21.06
CA GLN A 387 0.18 0.21 -20.41
C GLN A 387 -0.87 -0.14 -21.47
N LEU A 388 -1.07 0.69 -22.49
CA LEU A 388 -2.09 0.37 -23.50
C LEU A 388 -1.61 -0.81 -24.36
N LYS A 389 -0.32 -0.90 -24.64
CA LYS A 389 0.22 -2.09 -25.32
C LYS A 389 -0.13 -3.33 -24.50
N SER A 390 0.06 -3.28 -23.18
CA SER A 390 -0.20 -4.45 -22.31
C SER A 390 -1.70 -4.79 -22.33
N TYR A 391 -2.59 -3.81 -22.40
CA TYR A 391 -4.05 -4.05 -22.53
C TYR A 391 -4.35 -4.69 -23.89
N THR A 392 -3.70 -4.19 -24.92
CA THR A 392 -3.91 -4.64 -26.31
C THR A 392 -3.48 -6.11 -26.40
N LYS A 393 -2.41 -6.47 -25.71
CA LYS A 393 -1.91 -7.88 -25.72
C LYS A 393 -2.92 -8.78 -25.03
N GLU A 394 -3.47 -8.37 -23.88
CA GLU A 394 -4.54 -9.14 -23.19
C GLU A 394 -5.73 -9.28 -24.15
N ALA A 395 -6.15 -8.21 -24.83
CA ALA A 395 -7.33 -8.19 -25.73
C ALA A 395 -7.09 -9.18 -26.87
N LYS A 396 -5.87 -9.23 -27.38
CA LYS A 396 -5.50 -10.11 -28.52
C LYS A 396 -5.44 -11.56 -28.04
N TRP A 397 -4.94 -11.81 -26.83
CA TRP A 397 -4.99 -13.17 -26.23
C TRP A 397 -6.44 -13.64 -26.13
N PHE A 398 -7.34 -12.79 -25.68
CA PHE A 398 -8.76 -13.16 -25.48
C PHE A 398 -9.39 -13.48 -26.85
N HIS A 399 -9.13 -12.62 -27.83
CA HIS A 399 -9.73 -12.69 -29.20
C HIS A 399 -9.27 -13.98 -29.90
N GLU A 400 -8.03 -14.40 -29.68
CA GLU A 400 -7.41 -15.58 -30.36
C GLU A 400 -7.49 -16.83 -29.47
N GLY A 401 -8.09 -16.75 -28.28
CA GLY A 401 -8.23 -17.88 -27.34
C GLY A 401 -6.88 -18.42 -26.91
N HIS A 402 -5.91 -17.54 -26.67
CA HIS A 402 -4.57 -17.92 -26.19
C HIS A 402 -4.60 -18.20 -24.68
N LYS A 403 -3.94 -19.27 -24.25
CA LYS A 403 -3.70 -19.55 -22.81
C LYS A 403 -2.24 -19.30 -22.50
N PRO A 404 -1.84 -18.11 -22.03
CA PRO A 404 -0.46 -17.92 -21.65
C PRO A 404 -0.03 -18.78 -20.46
N THR A 405 1.26 -19.04 -20.36
CA THR A 405 1.86 -19.60 -19.13
C THR A 405 1.72 -18.55 -18.01
N LEU A 406 1.86 -18.95 -16.76
CA LEU A 406 1.86 -17.95 -15.65
C LEU A 406 2.95 -16.91 -15.92
N GLU A 407 4.17 -17.31 -16.30
CA GLU A 407 5.27 -16.33 -16.47
C GLU A 407 4.93 -15.35 -17.61
N GLU A 408 4.45 -15.86 -18.73
CA GLU A 408 4.06 -15.05 -19.91
C GLU A 408 2.98 -14.06 -19.49
N TYR A 409 2.00 -14.55 -18.74
CA TYR A 409 0.88 -13.69 -18.27
C TYR A 409 1.46 -12.59 -17.36
N LEU A 410 2.26 -12.96 -16.37
CA LEU A 410 2.74 -11.96 -15.37
C LEU A 410 3.68 -10.94 -16.02
N GLU A 411 4.47 -11.33 -17.02
CA GLU A 411 5.39 -10.38 -17.70
C GLU A 411 4.57 -9.23 -18.26
N ASN A 412 3.40 -9.53 -18.78
CA ASN A 412 2.50 -8.50 -19.33
C ASN A 412 1.64 -7.89 -18.21
N ALA A 413 1.14 -8.72 -17.30
CA ALA A 413 0.12 -8.29 -16.30
C ALA A 413 0.74 -7.42 -15.20
N LEU A 414 2.06 -7.47 -15.00
CA LEU A 414 2.71 -6.51 -14.07
C LEU A 414 2.70 -5.11 -14.69
N VAL A 415 2.56 -5.01 -16.00
CA VAL A 415 2.37 -3.69 -16.66
C VAL A 415 0.89 -3.33 -16.69
N SER A 416 0.01 -4.24 -17.06
CA SER A 416 -1.43 -3.92 -17.22
C SER A 416 -2.08 -3.47 -15.90
N ILE A 417 -1.56 -3.89 -14.74
CA ILE A 417 -2.11 -3.50 -13.43
C ILE A 417 -1.97 -1.99 -13.23
N GLY A 418 -1.01 -1.37 -13.91
CA GLY A 418 -0.88 0.10 -13.92
C GLY A 418 0.19 0.61 -13.00
N PHE A 419 0.85 -0.25 -12.20
CA PHE A 419 1.81 0.26 -11.19
C PHE A 419 3.12 0.71 -11.79
N PRO A 420 3.61 0.22 -12.95
CA PRO A 420 4.76 0.88 -13.59
C PRO A 420 4.41 2.35 -13.88
N ASN A 421 3.24 2.57 -14.45
CA ASN A 421 2.73 3.92 -14.75
C ASN A 421 2.71 4.73 -13.47
N LEU A 422 2.00 4.27 -12.45
CA LEU A 422 1.85 5.06 -11.21
C LEU A 422 3.21 5.28 -10.51
N LEU A 423 4.09 4.28 -10.48
CA LEU A 423 5.34 4.41 -9.72
C LEU A 423 6.33 5.28 -10.50
N VAL A 424 6.47 5.10 -11.80
CA VAL A 424 7.40 5.96 -12.59
C VAL A 424 6.92 7.40 -12.43
N THR A 425 5.59 7.63 -12.50
CA THR A 425 5.05 8.99 -12.37
C THR A 425 5.48 9.51 -11.02
N SER A 426 5.29 8.72 -9.96
CA SER A 426 5.57 9.19 -8.59
C SER A 426 7.05 9.51 -8.43
N TYR A 427 7.94 8.78 -9.10
CA TYR A 427 9.39 9.06 -9.09
C TYR A 427 9.69 10.38 -9.81
N LEU A 428 9.16 10.53 -11.00
CA LEU A 428 9.25 11.79 -11.78
C LEU A 428 8.94 12.98 -10.87
N LEU A 429 7.87 12.90 -10.09
CA LEU A 429 7.31 14.06 -9.35
C LEU A 429 8.08 14.33 -8.07
N THR A 430 8.85 13.37 -7.56
CA THR A 430 9.47 13.47 -6.21
C THR A 430 10.99 13.39 -6.21
N VAL A 431 11.62 12.78 -7.20
CA VAL A 431 13.09 12.56 -7.17
C VAL A 431 13.80 13.92 -7.07
N ASP A 432 14.83 14.01 -6.24
CA ASP A 432 15.66 15.23 -6.24
C ASP A 432 16.57 15.17 -7.47
N ASN A 433 16.71 16.28 -8.17
CA ASN A 433 17.64 16.40 -9.33
C ASN A 433 17.25 15.37 -10.39
N PRO A 434 16.01 15.38 -10.87
CA PRO A 434 15.62 14.47 -11.94
C PRO A 434 16.55 14.61 -13.15
N THR A 435 16.90 13.49 -13.75
CA THR A 435 17.66 13.44 -15.02
C THR A 435 17.05 12.37 -15.92
N LYS A 436 17.35 12.41 -17.20
CA LYS A 436 16.94 11.35 -18.13
C LYS A 436 17.53 10.02 -17.66
N GLU A 437 18.79 10.00 -17.18
CA GLU A 437 19.42 8.74 -16.73
C GLU A 437 18.59 8.16 -15.57
N LYS A 438 18.21 8.99 -14.62
CA LYS A 438 17.45 8.54 -13.43
C LYS A 438 16.09 8.02 -13.89
N LEU A 439 15.39 8.77 -14.73
CA LEU A 439 14.02 8.35 -15.15
C LEU A 439 14.14 7.08 -15.99
N ASP A 440 15.15 6.98 -16.85
CA ASP A 440 15.31 5.78 -17.67
C ASP A 440 15.55 4.56 -16.77
N TYR A 441 16.27 4.71 -15.68
CA TYR A 441 16.53 3.56 -14.77
C TYR A 441 15.23 3.08 -14.09
N VAL A 442 14.46 3.97 -13.52
CA VAL A 442 13.17 3.54 -12.87
C VAL A 442 12.23 2.97 -13.91
N ASP A 443 12.16 3.56 -15.10
CA ASP A 443 11.25 3.10 -16.19
C ASP A 443 11.65 1.72 -16.68
N SER A 444 12.91 1.33 -16.47
CA SER A 444 13.39 -0.03 -16.85
C SER A 444 12.91 -1.10 -15.86
N LEU A 445 12.25 -0.70 -14.77
CA LEU A 445 11.68 -1.62 -13.74
C LEU A 445 12.78 -2.56 -13.20
N PRO A 446 13.74 -2.00 -12.46
CA PRO A 446 14.66 -2.82 -11.70
C PRO A 446 13.91 -3.63 -10.64
N LEU A 447 14.56 -4.64 -10.12
CA LEU A 447 13.89 -5.67 -9.28
C LEU A 447 13.01 -5.01 -8.22
N PHE A 448 13.49 -4.01 -7.48
CA PHE A 448 12.73 -3.40 -6.36
C PHE A 448 11.36 -2.94 -6.90
N VAL A 449 11.37 -2.25 -8.03
CA VAL A 449 10.12 -1.69 -8.62
C VAL A 449 9.29 -2.82 -9.24
N ARG A 450 9.92 -3.74 -9.96
CA ARG A 450 9.21 -4.87 -10.61
C ARG A 450 8.50 -5.73 -9.55
N ALA A 451 9.16 -6.00 -8.44
CA ALA A 451 8.61 -6.78 -7.31
C ALA A 451 7.29 -6.16 -6.88
N SER A 452 7.28 -4.86 -6.68
CA SER A 452 6.07 -4.14 -6.26
C SER A 452 4.97 -4.32 -7.32
N CYS A 453 5.30 -4.14 -8.59
CA CYS A 453 4.31 -4.23 -9.67
C CYS A 453 3.76 -5.67 -9.73
N ILE A 454 4.61 -6.69 -9.63
CA ILE A 454 4.12 -8.10 -9.67
C ILE A 454 3.22 -8.36 -8.47
N LEU A 455 3.60 -7.89 -7.28
CA LEU A 455 2.76 -8.09 -6.08
C LEU A 455 1.39 -7.47 -6.31
N CYS A 456 1.34 -6.23 -6.76
CA CYS A 456 0.04 -5.55 -6.93
C CYS A 456 -0.83 -6.36 -7.87
N ARG A 457 -0.27 -6.88 -8.96
CA ARG A 457 -1.04 -7.71 -9.92
C ARG A 457 -1.51 -9.00 -9.23
N ILE A 458 -0.61 -9.75 -8.59
CA ILE A 458 -1.03 -11.08 -8.08
C ILE A 458 -1.99 -10.93 -6.88
N ILE A 459 -1.85 -9.89 -6.08
CA ILE A 459 -2.82 -9.63 -4.97
C ILE A 459 -4.21 -9.31 -5.55
N ASN A 460 -4.25 -8.51 -6.61
CA ASN A 460 -5.53 -8.19 -7.26
C ASN A 460 -6.17 -9.49 -7.76
N ASP A 461 -5.36 -10.32 -8.44
CA ASP A 461 -5.89 -11.58 -9.02
C ASP A 461 -6.38 -12.50 -7.90
N LEU A 462 -5.71 -12.51 -6.75
CA LEU A 462 -6.11 -13.42 -5.65
C LEU A 462 -7.39 -12.90 -4.99
N GLY A 463 -7.70 -11.61 -5.18
CA GLY A 463 -8.86 -10.97 -4.53
C GLY A 463 -10.19 -11.44 -5.05
N THR A 464 -10.19 -12.12 -6.18
CA THR A 464 -11.44 -12.75 -6.66
C THR A 464 -11.55 -14.12 -5.98
N SER A 465 -12.61 -14.36 -5.19
CA SER A 465 -12.81 -15.60 -4.41
C SER A 465 -12.89 -16.86 -5.30
N PRO A 466 -12.59 -18.05 -4.73
CA PRO A 466 -12.68 -19.31 -5.48
C PRO A 466 -14.09 -19.59 -5.99
N GLY A 472 -13.26 -20.12 -16.61
CA GLY A 472 -12.97 -20.07 -18.05
C GLY A 472 -12.09 -18.88 -18.43
N ASP A 473 -11.82 -17.98 -17.48
CA ASP A 473 -10.92 -16.81 -17.69
C ASP A 473 -9.47 -17.30 -17.70
N ASN A 474 -8.89 -17.48 -18.87
CA ASN A 474 -7.52 -18.04 -19.01
C ASN A 474 -6.53 -16.95 -18.65
N LEU A 475 -6.98 -15.69 -18.53
CA LEU A 475 -6.05 -14.54 -18.38
C LEU A 475 -6.08 -13.97 -16.95
N LYS A 476 -5.98 -14.80 -15.91
CA LYS A 476 -5.65 -14.34 -14.53
C LYS A 476 -4.72 -15.36 -13.88
N SER A 477 -4.02 -14.97 -12.83
CA SER A 477 -2.87 -15.69 -12.23
C SER A 477 -3.25 -17.14 -11.94
N ILE A 478 -4.28 -17.36 -11.14
CA ILE A 478 -4.61 -18.73 -10.67
C ILE A 478 -4.91 -19.61 -11.89
N GLN A 479 -5.76 -19.14 -12.79
CA GLN A 479 -6.23 -19.93 -13.97
C GLN A 479 -5.05 -20.21 -14.90
N CYS A 480 -4.12 -19.27 -15.07
CA CYS A 480 -2.93 -19.51 -15.89
C CYS A 480 -2.11 -20.67 -15.31
N TYR A 481 -1.93 -20.69 -13.99
CA TYR A 481 -1.08 -21.70 -13.33
C TYR A 481 -1.79 -23.06 -13.43
N MET A 482 -3.12 -23.04 -13.28
CA MET A 482 -3.97 -24.26 -13.46
C MET A 482 -3.78 -24.79 -14.89
N ASN A 483 -3.86 -23.93 -15.90
CA ASN A 483 -3.70 -24.35 -17.33
C ASN A 483 -2.30 -24.93 -17.54
N GLU A 484 -1.31 -24.33 -16.89
CA GLU A 484 0.10 -24.66 -17.11
C GLU A 484 0.44 -26.02 -16.49
N THR A 485 -0.08 -26.34 -15.29
CA THR A 485 0.42 -27.47 -14.47
C THR A 485 -0.67 -28.53 -14.19
N GLY A 486 -1.93 -28.24 -14.52
CA GLY A 486 -3.09 -29.07 -14.16
C GLY A 486 -3.36 -29.09 -12.67
N ALA A 487 -2.82 -28.15 -11.90
CA ALA A 487 -3.14 -27.98 -10.46
C ALA A 487 -4.64 -27.72 -10.28
N SER A 488 -5.20 -28.17 -9.17
CA SER A 488 -6.53 -27.73 -8.69
C SER A 488 -6.50 -26.23 -8.47
N GLN A 489 -7.66 -25.61 -8.29
CA GLN A 489 -7.78 -24.19 -7.89
C GLN A 489 -7.09 -24.02 -6.54
N GLU A 490 -7.35 -24.92 -5.60
CA GLU A 490 -6.81 -24.83 -4.22
C GLU A 490 -5.28 -24.78 -4.28
N VAL A 491 -4.68 -25.70 -5.03
CA VAL A 491 -3.20 -25.85 -5.11
C VAL A 491 -2.65 -24.64 -5.89
N ALA A 492 -3.30 -24.25 -6.98
CA ALA A 492 -2.85 -23.08 -7.79
C ALA A 492 -2.88 -21.83 -6.91
N ARG A 493 -3.96 -21.62 -6.16
CA ARG A 493 -4.07 -20.46 -5.24
C ARG A 493 -2.91 -20.52 -4.23
N GLU A 494 -2.61 -21.69 -3.66
CA GLU A 494 -1.50 -21.78 -2.66
C GLU A 494 -0.18 -21.38 -3.34
N HIS A 495 0.03 -21.76 -4.58
CA HIS A 495 1.24 -21.42 -5.35
C HIS A 495 1.36 -19.91 -5.48
N ILE A 496 0.26 -19.26 -5.86
CA ILE A 496 0.26 -17.79 -6.09
C ILE A 496 0.47 -17.10 -4.75
N GLU A 497 -0.13 -17.58 -3.67
CA GLU A 497 0.10 -17.04 -2.31
C GLU A 497 1.59 -17.16 -1.93
N GLY A 498 2.24 -18.27 -2.30
CA GLY A 498 3.69 -18.44 -2.09
C GLY A 498 4.50 -17.42 -2.87
N LEU A 499 4.02 -17.03 -4.05
CA LEU A 499 4.72 -16.01 -4.82
C LEU A 499 4.60 -14.65 -4.10
N VAL A 500 3.45 -14.36 -3.52
CA VAL A 500 3.29 -13.12 -2.72
C VAL A 500 4.36 -13.13 -1.64
N ARG A 501 4.49 -14.21 -0.88
CA ARG A 501 5.44 -14.22 0.24
C ARG A 501 6.86 -14.05 -0.29
N MET A 502 7.17 -14.69 -1.41
CA MET A 502 8.52 -14.63 -2.00
C MET A 502 8.86 -13.19 -2.40
N TRP A 503 7.98 -12.58 -3.17
CA TRP A 503 8.25 -11.19 -3.66
C TRP A 503 8.33 -10.22 -2.48
N TRP A 504 7.55 -10.41 -1.41
CA TRP A 504 7.70 -9.59 -0.20
C TRP A 504 9.11 -9.76 0.38
N LYS A 505 9.60 -10.99 0.46
CA LYS A 505 10.95 -11.22 1.02
C LYS A 505 11.99 -10.46 0.21
N ARG A 506 11.81 -10.43 -1.11
CA ARG A 506 12.71 -9.66 -2.01
C ARG A 506 12.60 -8.17 -1.75
N LEU A 507 11.39 -7.63 -1.62
CA LEU A 507 11.25 -6.21 -1.21
C LEU A 507 11.98 -5.94 0.10
N ASN A 508 11.76 -6.78 1.11
CA ASN A 508 12.31 -6.56 2.45
C ASN A 508 13.84 -6.43 2.33
N LYS A 509 14.44 -7.36 1.61
CA LYS A 509 15.92 -7.39 1.49
C LYS A 509 16.40 -6.20 0.67
N CYS A 510 15.70 -5.84 -0.39
CA CYS A 510 16.04 -4.66 -1.20
C CYS A 510 16.18 -3.44 -0.26
N LEU A 511 15.40 -3.35 0.83
CA LEU A 511 15.41 -2.15 1.70
C LEU A 511 16.61 -2.12 2.65
N PHE A 512 17.33 -3.22 2.82
CA PHE A 512 18.64 -3.26 3.52
C PHE A 512 19.81 -3.03 2.60
N GLU A 513 19.56 -2.94 1.31
CA GLU A 513 20.64 -2.75 0.35
C GLU A 513 20.63 -1.26 0.06
N PRO A 514 21.83 -0.72 -0.17
CA PRO A 514 21.97 0.56 -0.84
C PRO A 514 21.14 0.60 -2.12
N SER A 515 20.51 1.74 -2.34
CA SER A 515 19.59 1.95 -3.46
C SER A 515 19.91 3.26 -4.14
N PRO A 516 19.71 3.36 -5.46
CA PRO A 516 19.78 4.64 -6.11
C PRO A 516 18.54 5.47 -5.79
N PHE A 517 17.57 4.89 -5.10
CA PHE A 517 16.31 5.56 -4.72
C PHE A 517 16.41 6.10 -3.31
N THR A 518 15.56 7.10 -3.05
CA THR A 518 15.48 7.70 -1.71
C THR A 518 14.01 7.83 -1.33
N GLU A 519 13.74 8.34 -0.14
CA GLU A 519 12.34 8.66 0.23
C GLU A 519 11.93 9.86 -0.62
N PRO A 520 10.65 10.05 -0.96
CA PRO A 520 9.57 9.12 -0.59
C PRO A 520 9.31 7.91 -1.51
N PHE A 521 10.05 7.81 -2.61
CA PHE A 521 9.83 6.72 -3.59
C PHE A 521 9.99 5.33 -2.94
N LEU A 522 10.97 5.20 -2.04
CA LEU A 522 11.18 3.89 -1.36
C LEU A 522 9.88 3.49 -0.67
N SER A 523 9.24 4.44 -0.02
CA SER A 523 7.97 4.18 0.71
C SER A 523 6.84 3.94 -0.29
N PHE A 524 6.79 4.69 -1.39
CA PHE A 524 5.69 4.53 -2.35
C PHE A 524 5.65 3.08 -2.82
N THR A 525 6.84 2.54 -3.05
CA THR A 525 7.00 1.22 -3.70
C THR A 525 6.45 0.12 -2.77
N ILE A 526 6.67 0.26 -1.46
CA ILE A 526 6.11 -0.68 -0.45
C ILE A 526 4.61 -0.40 -0.29
N ASN A 527 4.24 0.86 -0.20
CA ASN A 527 2.87 1.22 0.21
C ASN A 527 1.84 0.90 -0.88
N VAL A 528 2.17 0.90 -2.17
CA VAL A 528 1.18 0.45 -3.19
C VAL A 528 0.85 -1.01 -2.94
N VAL A 529 1.77 -1.82 -2.45
CA VAL A 529 1.49 -3.26 -2.17
C VAL A 529 0.51 -3.35 -0.98
N ARG A 530 0.74 -2.57 0.05
CA ARG A 530 -0.16 -2.56 1.24
C ARG A 530 -1.55 -2.07 0.82
N GLY A 531 -1.63 -1.08 -0.08
CA GLY A 531 -2.94 -0.63 -0.60
C GLY A 531 -3.65 -1.74 -1.33
N SER A 532 -2.90 -2.54 -2.08
CA SER A 532 -3.43 -3.74 -2.77
C SER A 532 -3.94 -4.78 -1.78
N HIS A 533 -3.16 -5.14 -0.78
CA HIS A 533 -3.65 -6.11 0.23
C HIS A 533 -4.96 -5.58 0.80
N PHE A 534 -4.96 -4.33 1.21
CA PHE A 534 -6.09 -3.80 2.01
C PHE A 534 -7.37 -3.90 1.19
N PHE A 535 -7.34 -3.56 -0.09
CA PHE A 535 -8.54 -3.42 -0.94
C PHE A 535 -8.85 -4.71 -1.71
N TYR A 536 -8.05 -5.76 -1.58
CA TYR A 536 -8.33 -7.07 -2.22
C TYR A 536 -8.31 -8.21 -1.20
N GLN A 537 -8.97 -8.01 -0.06
CA GLN A 537 -9.19 -9.11 0.91
C GLN A 537 -10.42 -9.91 0.45
N TYR A 538 -10.56 -11.14 0.89
CA TYR A 538 -11.83 -11.90 0.71
C TYR A 538 -11.92 -12.96 1.80
N TYR A 542 -18.78 -10.32 7.92
CA TYR A 542 -20.18 -9.83 7.87
C TYR A 542 -20.27 -8.68 6.86
N GLY A 543 -21.49 -8.34 6.45
CA GLY A 543 -21.77 -7.28 5.46
C GLY A 543 -21.27 -7.66 4.08
N ASN A 544 -20.95 -6.67 3.25
CA ASN A 544 -20.61 -6.85 1.81
C ASN A 544 -19.49 -5.90 1.44
N ALA A 545 -18.96 -6.04 0.22
CA ALA A 545 -17.80 -5.27 -0.28
C ALA A 545 -18.18 -3.78 -0.33
N GLU A 546 -19.39 -3.50 -0.80
CA GLU A 546 -19.94 -2.12 -0.90
C GLU A 546 -19.94 -1.45 0.48
N SER A 547 -20.58 -2.06 1.48
CA SER A 547 -20.71 -1.46 2.84
C SER A 547 -19.32 -1.35 3.47
N TRP A 548 -18.45 -2.35 3.26
CA TRP A 548 -17.09 -2.34 3.85
C TRP A 548 -16.31 -1.15 3.26
N THR A 549 -16.36 -0.96 1.95
CA THR A 549 -15.65 0.15 1.27
C THR A 549 -16.20 1.49 1.75
N LYS A 550 -17.52 1.65 1.70
CA LYS A 550 -18.18 2.91 2.14
C LYS A 550 -17.72 3.22 3.57
N ASN A 551 -17.70 2.22 4.46
CA ASN A 551 -17.30 2.44 5.87
C ASN A 551 -15.84 2.90 5.90
N GLN A 552 -14.95 2.31 5.12
CA GLN A 552 -13.53 2.76 5.12
C GLN A 552 -13.47 4.20 4.62
N GLY A 553 -14.15 4.52 3.51
CA GLY A 553 -14.10 5.87 2.95
C GLY A 553 -14.67 6.89 3.93
N MET A 554 -15.81 6.61 4.51
CA MET A 554 -16.49 7.57 5.41
C MET A 554 -15.63 7.75 6.67
N SER A 555 -15.08 6.68 7.22
CA SER A 555 -14.39 6.76 8.53
C SER A 555 -13.02 7.40 8.33
N VAL A 556 -12.40 7.19 7.18
CA VAL A 556 -11.04 7.74 6.97
C VAL A 556 -11.11 9.12 6.34
N LEU A 557 -12.03 9.39 5.42
CA LEU A 557 -11.95 10.61 4.60
C LEU A 557 -13.02 11.63 5.02
N ILE A 558 -14.18 11.18 5.48
CA ILE A 558 -15.36 12.10 5.59
C ILE A 558 -15.58 12.54 7.05
N HIS A 559 -15.69 11.60 7.99
CA HIS A 559 -16.02 11.93 9.40
C HIS A 559 -14.77 12.19 10.22
N PRO A 560 -14.67 13.35 10.90
CA PRO A 560 -13.57 13.58 11.82
C PRO A 560 -13.73 12.68 13.04
N ILE A 561 -12.64 12.47 13.74
CA ILE A 561 -12.65 11.82 15.07
C ILE A 561 -13.14 12.84 16.09
N THR A 562 -14.04 12.41 16.97
CA THR A 562 -14.60 13.30 18.01
C THR A 562 -13.50 13.60 19.03
N LEU A 563 -13.25 14.88 19.27
CA LEU A 563 -12.37 15.34 20.37
C LEU A 563 -13.25 15.82 21.53
N ASP A 564 -12.81 15.61 22.77
CA ASP A 564 -13.38 16.26 23.97
C ASP A 564 -12.52 17.47 24.34
S SO4 B . 23.44 -10.85 2.35
O1 SO4 B . 23.23 -9.96 1.24
O2 SO4 B . 23.10 -12.21 1.99
O3 SO4 B . 22.61 -10.44 3.50
O4 SO4 B . 24.83 -10.80 2.77
S SO4 C . 9.27 -29.17 23.00
O1 SO4 C . 8.04 -28.73 22.40
O2 SO4 C . 9.15 -30.54 23.41
O3 SO4 C . 9.56 -28.35 24.14
O4 SO4 C . 10.36 -29.06 22.04
C CO3 D . -19.88 8.96 -31.62
O1 CO3 D . -19.93 8.27 -32.69
O2 CO3 D . -20.49 8.58 -30.60
O3 CO3 D . -19.19 10.01 -31.59
C CO3 E . -3.11 -21.98 -26.60
O1 CO3 E . -4.31 -22.01 -26.19
O2 CO3 E . -2.71 -22.86 -27.42
O3 CO3 E . -2.33 -21.07 -26.21
C CO3 F . -3.13 4.83 -6.92
O1 CO3 F . -4.01 4.21 -7.59
O2 CO3 F . -2.29 4.16 -6.25
O3 CO3 F . -3.04 6.09 -6.96
NI NI G . -11.88 -14.24 14.91
C1 GOL H . -4.45 0.83 -10.20
O1 GOL H . -4.65 -0.57 -10.46
C2 GOL H . -5.51 1.39 -9.26
O2 GOL H . -5.22 2.74 -8.90
C3 GOL H . -6.90 1.32 -9.87
O3 GOL H . -7.84 2.04 -9.06
C1 GOL I . -0.35 -14.07 6.05
O1 GOL I . 0.42 -15.23 5.72
C2 GOL I . -1.75 -14.17 5.52
O2 GOL I . -2.35 -15.38 5.99
C3 GOL I . -2.62 -12.99 5.91
O3 GOL I . -3.62 -12.77 4.91
C1 GOL J . 10.60 2.55 2.97
O1 GOL J . 11.90 3.10 3.12
C2 GOL J . 10.06 2.08 4.30
O2 GOL J . 9.23 3.08 4.86
C3 GOL J . 9.31 0.77 4.20
O3 GOL J . 7.92 0.93 4.48
C1 GOL K . 23.19 -7.63 7.02
O1 GOL K . 22.61 -6.52 6.35
C2 GOL K . 23.31 -8.82 6.11
O2 GOL K . 24.65 -8.91 5.61
C3 GOL K . 22.94 -10.13 6.77
O3 GOL K . 23.83 -11.18 6.40
C1 GOL L . -10.50 -4.48 7.71
O1 GOL L . -9.17 -4.93 7.48
C2 GOL L . -10.53 -3.20 8.53
O2 GOL L . -11.37 -3.39 9.65
C3 GOL L . -9.15 -2.77 8.98
O3 GOL L . -8.93 -1.36 8.89
#